data_7VRZ
#
_entry.id   7VRZ
#
_cell.length_a   114.665
_cell.length_b   55.822
_cell.length_c   67.765
_cell.angle_alpha   90.00
_cell.angle_beta   94.07
_cell.angle_gamma   90.00
#
_symmetry.space_group_name_H-M   'C 1 2 1'
#
loop_
_entity.id
_entity.type
_entity.pdbx_description
1 polymer 'Bromodomain-containing protein 2'
2 non-polymer Doxofylline
3 non-polymer 'SULFATE ION'
4 water water
#
_entity_poly.entity_id   1
_entity_poly.type   'polypeptide(L)'
_entity_poly.pdbx_seq_one_letter_code
;GSHMGRVTNQLQYLHKVVMKALWKHQFAWPFRQPVDAVKLGLPDYHKIIKQPMDMGTIKRRLENNYYWAASECMQDFNTM
FTNCYIYNKPTDDIVLMAQTLEKIFLQKVASMPQEEQELVVTIPKN
;
_entity_poly.pdbx_strand_id   A,B,C
#
loop_
_chem_comp.id
_chem_comp.type
_chem_comp.name
_chem_comp.formula
7UH non-polymer Doxofylline 'C11 H14 N4 O4'
SO4 non-polymer 'SULFATE ION' 'O4 S -2'
#
# COMPACT_ATOMS: atom_id res chain seq x y z
N VAL A 7 8.43 -9.42 12.83
CA VAL A 7 8.62 -7.95 12.83
C VAL A 7 9.20 -7.57 11.49
N THR A 8 8.65 -8.14 10.42
CA THR A 8 9.26 -7.91 9.10
C THR A 8 9.16 -6.46 8.68
N ASN A 9 10.11 -6.01 7.88
CA ASN A 9 10.03 -4.67 7.28
C ASN A 9 8.69 -4.54 6.56
N GLN A 10 8.27 -5.58 5.85
CA GLN A 10 7.03 -5.55 5.04
C GLN A 10 5.84 -5.35 5.99
N LEU A 11 5.79 -6.13 7.04
CA LEU A 11 4.66 -5.98 7.95
C LEU A 11 4.71 -4.64 8.67
N GLN A 12 5.90 -4.13 8.96
CA GLN A 12 5.99 -2.80 9.52
C GLN A 12 5.50 -1.76 8.54
N TYR A 13 5.86 -1.92 7.27
CA TYR A 13 5.35 -1.04 6.23
C TYR A 13 3.82 -1.08 6.16
N LEU A 14 3.26 -2.29 6.15
CA LEU A 14 1.80 -2.42 6.08
C LEU A 14 1.11 -1.77 7.27
N HIS A 15 1.74 -1.81 8.44
CA HIS A 15 1.15 -1.19 9.62
C HIS A 15 1.34 0.32 9.59
N LYS A 16 2.59 0.79 9.44
CA LYS A 16 2.86 2.21 9.61
C LYS A 16 2.47 3.04 8.40
N VAL A 17 2.35 2.47 7.22
CA VAL A 17 2.08 3.23 6.01
C VAL A 17 0.69 2.93 5.47
N VAL A 18 0.39 1.65 5.25
CA VAL A 18 -0.88 1.29 4.62
C VAL A 18 -2.03 1.43 5.61
N MET A 19 -1.96 0.74 6.75
CA MET A 19 -3.05 0.82 7.73
C MET A 19 -3.19 2.22 8.27
N LYS A 20 -2.08 2.92 8.47
CA LYS A 20 -2.16 4.29 8.95
C LYS A 20 -2.97 5.13 7.99
N ALA A 21 -2.70 5.02 6.69
CA ALA A 21 -3.39 5.84 5.70
C ALA A 21 -4.86 5.46 5.59
N LEU A 22 -5.16 4.16 5.52
CA LEU A 22 -6.52 3.73 5.27
C LEU A 22 -7.41 3.92 6.49
N TRP A 23 -6.89 3.71 7.70
CA TRP A 23 -7.73 3.73 8.89
C TRP A 23 -8.30 5.12 9.14
N LYS A 24 -7.49 6.17 8.92
CA LYS A 24 -7.95 7.53 9.14
C LYS A 24 -8.64 8.13 7.93
N HIS A 25 -8.79 7.37 6.84
CA HIS A 25 -9.38 7.93 5.63
C HIS A 25 -10.86 8.24 5.86
N GLN A 26 -11.34 9.31 5.22
CA GLN A 26 -12.72 9.74 5.41
C GLN A 26 -13.75 8.74 4.89
N PHE A 27 -13.35 7.81 4.02
CA PHE A 27 -14.25 6.75 3.57
C PHE A 27 -14.09 5.47 4.35
N ALA A 28 -13.31 5.49 5.42
CA ALA A 28 -12.95 4.25 6.09
C ALA A 28 -14.02 3.74 7.04
N TRP A 29 -14.91 4.62 7.51
CA TRP A 29 -15.77 4.25 8.65
C TRP A 29 -16.62 3.00 8.40
N PRO A 30 -17.20 2.75 7.22
CA PRO A 30 -17.95 1.48 7.06
C PRO A 30 -17.11 0.22 7.18
N PHE A 31 -15.79 0.34 7.13
CA PHE A 31 -14.90 -0.82 7.12
C PHE A 31 -14.13 -0.98 8.43
N ARG A 32 -14.36 -0.12 9.41
CA ARG A 32 -13.53 -0.15 10.62
C ARG A 32 -13.90 -1.29 11.58
N GLN A 33 -15.05 -1.91 11.39
CA GLN A 33 -15.57 -2.97 12.26
C GLN A 33 -16.28 -3.97 11.37
N PRO A 34 -16.46 -5.21 11.84
CA PRO A 34 -17.16 -6.20 11.03
C PRO A 34 -18.53 -5.69 10.58
N VAL A 35 -18.94 -6.12 9.39
CA VAL A 35 -20.30 -5.87 8.94
C VAL A 35 -21.26 -6.43 9.99
N ASP A 36 -22.14 -5.59 10.50
CA ASP A 36 -23.16 -6.00 11.47
C ASP A 36 -24.45 -6.18 10.69
N ALA A 37 -24.75 -7.43 10.34
CA ALA A 37 -25.89 -7.69 9.46
C ALA A 37 -27.21 -7.39 10.14
N VAL A 38 -27.29 -7.52 11.46
CA VAL A 38 -28.51 -7.15 12.17
C VAL A 38 -28.69 -5.63 12.16
N LYS A 39 -27.67 -4.90 12.59
CA LYS A 39 -27.72 -3.44 12.59
C LYS A 39 -28.03 -2.89 11.21
N LEU A 40 -27.45 -3.48 10.16
CA LEU A 40 -27.60 -2.96 8.80
C LEU A 40 -28.81 -3.51 8.07
N GLY A 41 -29.52 -4.47 8.66
CA GLY A 41 -30.69 -5.04 8.02
C GLY A 41 -30.37 -5.84 6.78
N LEU A 42 -29.36 -6.71 6.88
CA LEU A 42 -28.85 -7.49 5.75
C LEU A 42 -28.93 -8.98 6.07
N PRO A 43 -30.13 -9.56 6.08
CA PRO A 43 -30.26 -10.96 6.51
C PRO A 43 -29.57 -11.96 5.59
N ASP A 44 -29.25 -11.59 4.35
CA ASP A 44 -28.54 -12.51 3.45
C ASP A 44 -27.03 -12.31 3.47
N TYR A 45 -26.50 -11.39 4.27
CA TYR A 45 -25.08 -11.06 4.15
C TYR A 45 -24.20 -12.27 4.40
N HIS A 46 -24.42 -12.98 5.51
CA HIS A 46 -23.55 -14.10 5.83
C HIS A 46 -23.85 -15.34 5.00
N LYS A 47 -24.94 -15.32 4.23
CA LYS A 47 -25.16 -16.39 3.25
C LYS A 47 -24.28 -16.19 2.02
N ILE A 48 -24.04 -14.94 1.65
CA ILE A 48 -23.26 -14.61 0.46
C ILE A 48 -21.78 -14.47 0.78
N ILE A 49 -21.44 -13.79 1.87
CA ILE A 49 -20.05 -13.54 2.25
C ILE A 49 -19.66 -14.55 3.32
N LYS A 50 -18.83 -15.50 2.95
CA LYS A 50 -18.47 -16.56 3.91
C LYS A 50 -17.20 -16.27 4.70
N GLN A 51 -16.40 -15.29 4.28
CA GLN A 51 -15.19 -14.89 5.00
C GLN A 51 -15.23 -13.38 5.24
N PRO A 52 -15.98 -12.93 6.23
CA PRO A 52 -16.02 -11.48 6.50
C PRO A 52 -14.66 -10.98 6.93
N MET A 53 -14.35 -9.74 6.58
CA MET A 53 -13.10 -9.13 6.99
C MET A 53 -13.33 -7.63 7.09
N ASP A 54 -12.54 -6.99 7.95
CA ASP A 54 -12.71 -5.57 8.22
C ASP A 54 -11.37 -5.03 8.70
N MET A 55 -11.22 -3.71 8.64
CA MET A 55 -9.94 -3.10 8.99
C MET A 55 -9.64 -3.20 10.49
N GLY A 56 -10.66 -3.21 11.34
CA GLY A 56 -10.41 -3.39 12.77
C GLY A 56 -9.70 -4.71 13.05
N THR A 57 -10.20 -5.79 12.46
CA THR A 57 -9.54 -7.08 12.55
C THR A 57 -8.10 -7.01 12.02
N ILE A 58 -7.90 -6.45 10.82
CA ILE A 58 -6.54 -6.36 10.30
C ILE A 58 -5.65 -5.54 11.24
N LYS A 59 -6.17 -4.40 11.72
CA LYS A 59 -5.40 -3.54 12.60
C LYS A 59 -4.96 -4.28 13.86
N ARG A 60 -5.90 -4.98 14.48
CA ARG A 60 -5.57 -5.77 15.66
C ARG A 60 -4.52 -6.84 15.34
N ARG A 61 -4.71 -7.54 14.21
CA ARG A 61 -3.77 -8.59 13.84
C ARG A 61 -2.35 -8.04 13.63
N LEU A 62 -2.24 -6.86 13.02
CA LEU A 62 -0.93 -6.22 12.87
C LEU A 62 -0.36 -5.81 14.22
N GLU A 63 -1.23 -5.31 15.11
CA GLU A 63 -0.78 -4.90 16.44
C GLU A 63 -0.29 -6.07 17.27
N ASN A 64 -0.85 -7.27 17.06
CA ASN A 64 -0.51 -8.46 17.85
C ASN A 64 0.42 -9.42 17.11
N ASN A 65 1.04 -8.98 16.02
CA ASN A 65 1.94 -9.82 15.24
C ASN A 65 1.30 -11.18 14.94
N TYR A 66 0.06 -11.11 14.47
CA TYR A 66 -0.68 -12.31 14.06
C TYR A 66 -0.13 -12.86 12.75
N TYR A 67 0.31 -11.97 11.85
CA TYR A 67 0.67 -12.37 10.50
C TYR A 67 2.09 -12.92 10.45
N TRP A 68 2.27 -13.99 9.68
CA TRP A 68 3.61 -14.52 9.44
C TRP A 68 4.26 -13.90 8.21
N ALA A 69 3.48 -13.50 7.21
CA ALA A 69 4.04 -12.89 6.01
C ALA A 69 3.17 -11.72 5.59
N ALA A 70 3.79 -10.76 4.91
CA ALA A 70 3.07 -9.60 4.40
C ALA A 70 1.91 -10.01 3.51
N SER A 71 2.14 -10.97 2.60
CA SER A 71 1.12 -11.38 1.66
C SER A 71 -0.15 -11.84 2.35
N GLU A 72 -0.04 -12.32 3.59
CA GLU A 72 -1.24 -12.76 4.27
C GLU A 72 -2.02 -11.57 4.86
N CYS A 73 -1.34 -10.51 5.29
CA CYS A 73 -2.06 -9.27 5.60
C CYS A 73 -2.70 -8.70 4.34
N MET A 74 -1.98 -8.78 3.23
CA MET A 74 -2.50 -8.25 1.98
C MET A 74 -3.74 -9.01 1.53
N GLN A 75 -3.77 -10.33 1.75
CA GLN A 75 -4.97 -11.08 1.40
C GLN A 75 -6.17 -10.64 2.22
N ASP A 76 -5.96 -10.34 3.52
CA ASP A 76 -7.08 -9.88 4.34
C ASP A 76 -7.66 -8.58 3.79
N PHE A 77 -6.79 -7.60 3.49
CA PHE A 77 -7.26 -6.38 2.83
C PHE A 77 -8.05 -6.71 1.59
N ASN A 78 -7.52 -7.62 0.77
CA ASN A 78 -8.18 -7.95 -0.49
C ASN A 78 -9.54 -8.57 -0.25
N THR A 79 -9.63 -9.52 0.68
CA THR A 79 -10.91 -10.11 1.02
C THR A 79 -11.91 -9.05 1.46
N MET A 80 -11.46 -8.08 2.25
CA MET A 80 -12.39 -7.07 2.74
C MET A 80 -12.97 -6.25 1.58
N PHE A 81 -12.12 -5.85 0.63
CA PHE A 81 -12.62 -5.11 -0.52
C PHE A 81 -13.47 -6.00 -1.41
N THR A 82 -13.01 -7.23 -1.67
CA THR A 82 -13.73 -8.12 -2.56
C THR A 82 -15.12 -8.45 -2.02
N ASN A 83 -15.23 -8.71 -0.71
CA ASN A 83 -16.55 -8.93 -0.09
C ASN A 83 -17.52 -7.83 -0.48
N CYS A 84 -17.07 -6.59 -0.43
CA CYS A 84 -17.92 -5.46 -0.75
C CYS A 84 -18.35 -5.48 -2.22
N TYR A 85 -17.41 -5.73 -3.13
CA TYR A 85 -17.77 -5.75 -4.56
C TYR A 85 -18.74 -6.88 -4.86
N ILE A 86 -18.55 -8.02 -4.22
CA ILE A 86 -19.41 -9.19 -4.48
C ILE A 86 -20.79 -8.98 -3.88
N TYR A 87 -20.86 -8.49 -2.65
CA TYR A 87 -22.16 -8.45 -2.00
C TYR A 87 -23.01 -7.29 -2.50
N ASN A 88 -22.44 -6.11 -2.60
CA ASN A 88 -23.21 -4.89 -2.82
C ASN A 88 -23.62 -4.76 -4.29
N LYS A 89 -24.69 -3.99 -4.51
CA LYS A 89 -25.09 -3.66 -5.88
C LYS A 89 -24.05 -2.74 -6.50
N PRO A 90 -23.87 -2.80 -7.83
CA PRO A 90 -22.86 -1.96 -8.49
C PRO A 90 -23.00 -0.47 -8.19
N THR A 91 -24.22 0.01 -7.99
CA THR A 91 -24.50 1.42 -7.79
C THR A 91 -24.41 1.87 -6.33
N ASP A 92 -24.18 0.95 -5.40
CA ASP A 92 -24.08 1.33 -3.99
C ASP A 92 -22.85 2.22 -3.78
N ASP A 93 -23.04 3.31 -3.03
CA ASP A 93 -21.93 4.22 -2.74
C ASP A 93 -20.76 3.52 -2.06
N ILE A 94 -21.05 2.49 -1.24
CA ILE A 94 -19.99 1.77 -0.55
C ILE A 94 -18.98 1.19 -1.55
N VAL A 95 -19.44 0.80 -2.74
CA VAL A 95 -18.51 0.26 -3.74
C VAL A 95 -17.49 1.33 -4.14
N LEU A 96 -17.95 2.57 -4.32
N LEU A 96 -17.95 2.57 -4.33
CA LEU A 96 -17.06 3.67 -4.66
CA LEU A 96 -17.05 3.66 -4.66
C LEU A 96 -16.07 3.93 -3.53
C LEU A 96 -16.06 3.92 -3.53
N MET A 97 -16.54 3.86 -2.29
CA MET A 97 -15.65 4.05 -1.14
C MET A 97 -14.61 2.95 -1.05
N ALA A 98 -15.02 1.69 -1.23
CA ALA A 98 -14.06 0.60 -1.24
C ALA A 98 -13.03 0.78 -2.36
N GLN A 99 -13.49 1.18 -3.55
CA GLN A 99 -12.57 1.38 -4.66
C GLN A 99 -11.55 2.46 -4.35
N THR A 100 -12.01 3.56 -3.74
CA THR A 100 -11.08 4.63 -3.38
C THR A 100 -10.04 4.13 -2.38
N LEU A 101 -10.47 3.39 -1.38
CA LEU A 101 -9.53 2.85 -0.40
C LEU A 101 -8.60 1.82 -1.04
N GLU A 102 -9.14 0.97 -1.92
CA GLU A 102 -8.28 -0.07 -2.48
C GLU A 102 -7.21 0.52 -3.38
N LYS A 103 -7.51 1.63 -4.05
CA LYS A 103 -6.52 2.29 -4.89
C LYS A 103 -5.33 2.77 -4.05
N ILE A 104 -5.63 3.40 -2.91
CA ILE A 104 -4.58 3.78 -1.97
C ILE A 104 -3.80 2.55 -1.52
N PHE A 105 -4.51 1.46 -1.19
CA PHE A 105 -3.85 0.22 -0.78
C PHE A 105 -2.87 -0.25 -1.85
N LEU A 106 -3.31 -0.29 -3.10
CA LEU A 106 -2.42 -0.75 -4.17
C LEU A 106 -1.27 0.23 -4.38
N GLN A 107 -1.57 1.52 -4.39
CA GLN A 107 -0.53 2.54 -4.57
C GLN A 107 0.57 2.36 -3.52
N LYS A 108 0.19 2.17 -2.26
CA LYS A 108 1.20 2.02 -1.21
C LYS A 108 1.93 0.69 -1.35
N VAL A 109 1.18 -0.38 -1.64
CA VAL A 109 1.79 -1.69 -1.74
C VAL A 109 2.83 -1.73 -2.85
N ALA A 110 2.67 -0.91 -3.89
CA ALA A 110 3.69 -0.84 -4.94
C ALA A 110 5.06 -0.38 -4.42
N SER A 111 5.11 0.29 -3.26
CA SER A 111 6.35 0.79 -2.69
C SER A 111 6.77 0.05 -1.43
N MET A 112 6.17 -1.10 -1.22
CA MET A 112 6.52 -1.94 -0.05
C MET A 112 7.90 -2.56 -0.22
N PRO A 113 8.68 -2.60 0.86
CA PRO A 113 9.94 -3.28 0.82
C PRO A 113 9.81 -4.73 0.35
N GLN A 114 10.81 -5.21 -0.36
CA GLN A 114 10.79 -6.65 -0.70
C GLN A 114 11.41 -7.38 0.50
N GLU A 115 11.24 -8.68 0.56
CA GLU A 115 11.80 -9.63 1.56
C GLU A 115 10.84 -9.82 2.71
N THR B 8 10.90 0.53 -16.42
CA THR B 8 11.42 0.43 -15.06
C THR B 8 11.60 -1.03 -14.66
N ASN B 9 12.37 -1.23 -13.60
CA ASN B 9 12.55 -2.56 -13.04
C ASN B 9 11.21 -3.15 -12.61
N GLN B 10 10.34 -2.33 -12.03
CA GLN B 10 9.05 -2.82 -11.54
C GLN B 10 8.14 -3.20 -12.70
N LEU B 11 8.09 -2.36 -13.74
CA LEU B 11 7.22 -2.70 -14.88
C LEU B 11 7.72 -3.97 -15.57
N GLN B 12 9.03 -4.15 -15.66
CA GLN B 12 9.58 -5.39 -16.18
C GLN B 12 9.15 -6.58 -15.32
N TYR B 13 9.19 -6.41 -14.00
CA TYR B 13 8.77 -7.49 -13.12
C TYR B 13 7.29 -7.83 -13.33
N LEU B 14 6.43 -6.82 -13.40
CA LEU B 14 5.00 -7.07 -13.65
C LEU B 14 4.80 -7.79 -14.98
N HIS B 15 5.65 -7.49 -15.96
CA HIS B 15 5.50 -8.09 -17.27
C HIS B 15 5.97 -9.54 -17.24
N LYS B 16 7.19 -9.79 -16.76
CA LYS B 16 7.84 -11.07 -16.99
C LYS B 16 7.66 -12.05 -15.84
N VAL B 17 7.28 -11.58 -14.66
CA VAL B 17 7.04 -12.43 -13.50
C VAL B 17 5.55 -12.53 -13.18
N VAL B 18 4.89 -11.40 -12.94
CA VAL B 18 3.49 -11.41 -12.52
C VAL B 18 2.59 -11.81 -13.69
N MET B 19 2.63 -11.05 -14.79
CA MET B 19 1.74 -11.36 -15.91
C MET B 19 1.98 -12.76 -16.47
N LYS B 20 3.24 -13.20 -16.54
CA LYS B 20 3.49 -14.52 -17.14
C LYS B 20 2.87 -15.64 -16.31
N ALA B 21 2.97 -15.53 -14.98
CA ALA B 21 2.33 -16.50 -14.10
C ALA B 21 0.82 -16.48 -14.28
N LEU B 22 0.21 -15.30 -14.29
CA LEU B 22 -1.23 -15.25 -14.41
C LEU B 22 -1.70 -15.72 -15.78
N TRP B 23 -0.97 -15.34 -16.84
CA TRP B 23 -1.45 -15.62 -18.19
C TRP B 23 -1.63 -17.11 -18.42
N LYS B 24 -0.67 -17.93 -18.00
CA LYS B 24 -0.69 -19.37 -18.26
C LYS B 24 -1.59 -20.13 -17.31
N HIS B 25 -2.16 -19.47 -16.30
CA HIS B 25 -2.96 -20.17 -15.31
C HIS B 25 -4.18 -20.80 -15.96
N GLN B 26 -4.60 -21.96 -15.44
CA GLN B 26 -5.75 -22.67 -16.01
C GLN B 26 -7.05 -21.90 -15.85
N PHE B 27 -7.14 -20.95 -14.92
CA PHE B 27 -8.32 -20.12 -14.78
C PHE B 27 -8.24 -18.81 -15.57
N ALA B 28 -7.15 -18.60 -16.32
CA ALA B 28 -6.91 -17.30 -16.94
C ALA B 28 -7.68 -17.07 -18.23
N TRP B 29 -8.16 -18.10 -18.91
CA TRP B 29 -8.67 -17.89 -20.27
C TRP B 29 -9.76 -16.82 -20.38
N PRO B 30 -10.69 -16.66 -19.44
CA PRO B 30 -11.71 -15.61 -19.63
C PRO B 30 -11.14 -14.20 -19.60
N PHE B 31 -9.92 -14.04 -19.10
CA PHE B 31 -9.36 -12.73 -18.81
C PHE B 31 -8.28 -12.32 -19.77
N ARG B 32 -7.96 -13.15 -20.79
CA ARG B 32 -6.86 -12.86 -21.69
C ARG B 32 -7.24 -11.89 -22.79
N GLN B 33 -8.52 -11.55 -22.91
CA GLN B 33 -8.98 -10.67 -23.97
C GLN B 33 -10.20 -9.94 -23.45
N PRO B 34 -10.56 -8.81 -24.04
CA PRO B 34 -11.71 -8.05 -23.53
C PRO B 34 -12.97 -8.89 -23.52
N VAL B 35 -13.86 -8.58 -22.56
CA VAL B 35 -15.21 -9.12 -22.59
C VAL B 35 -15.87 -8.69 -23.88
N ASP B 36 -16.32 -9.67 -24.67
CA ASP B 36 -17.05 -9.43 -25.92
C ASP B 36 -18.53 -9.58 -25.57
N ALA B 37 -19.16 -8.46 -25.25
CA ALA B 37 -20.54 -8.50 -24.75
C ALA B 37 -21.50 -9.02 -25.81
N VAL B 38 -21.18 -8.79 -27.09
CA VAL B 38 -22.05 -9.27 -28.17
C VAL B 38 -21.92 -10.78 -28.35
N LYS B 39 -20.68 -11.27 -28.46
CA LYS B 39 -20.46 -12.70 -28.62
C LYS B 39 -20.86 -13.49 -27.39
N LEU B 40 -20.79 -12.88 -26.21
CA LEU B 40 -21.19 -13.55 -24.98
C LEU B 40 -22.64 -13.28 -24.61
N GLY B 41 -23.34 -12.45 -25.38
CA GLY B 41 -24.72 -12.11 -25.10
C GLY B 41 -24.95 -11.46 -23.74
N LEU B 42 -24.41 -10.26 -23.54
CA LEU B 42 -24.57 -9.51 -22.29
C LEU B 42 -24.85 -8.06 -22.61
N PRO B 43 -26.11 -7.73 -22.97
CA PRO B 43 -26.42 -6.37 -23.39
C PRO B 43 -26.30 -5.34 -22.29
N ASP B 44 -26.18 -5.75 -21.04
CA ASP B 44 -26.03 -4.81 -19.95
C ASP B 44 -24.60 -4.69 -19.46
N TYR B 45 -23.65 -5.42 -20.06
CA TYR B 45 -22.30 -5.44 -19.50
C TYR B 45 -21.72 -4.04 -19.49
N HIS B 46 -21.79 -3.34 -20.63
CA HIS B 46 -21.20 -2.02 -20.74
C HIS B 46 -22.04 -0.93 -20.10
N LYS B 47 -23.28 -1.22 -19.72
CA LYS B 47 -24.03 -0.28 -18.90
C LYS B 47 -23.60 -0.33 -17.44
N ILE B 48 -23.07 -1.47 -17.00
CA ILE B 48 -22.65 -1.65 -15.62
C ILE B 48 -21.16 -1.45 -15.46
N ILE B 49 -20.37 -1.98 -16.39
CA ILE B 49 -18.92 -1.89 -16.34
C ILE B 49 -18.50 -0.78 -17.29
N LYS B 50 -18.08 0.36 -16.74
N LYS B 50 -18.07 0.35 -16.73
CA LYS B 50 -17.73 1.51 -17.56
CA LYS B 50 -17.73 1.53 -17.51
C LYS B 50 -16.24 1.62 -17.86
C LYS B 50 -16.24 1.61 -17.86
N GLN B 51 -15.39 0.84 -17.18
CA GLN B 51 -13.96 0.77 -17.47
C GLN B 51 -13.56 -0.68 -17.69
N PRO B 52 -13.85 -1.24 -18.85
CA PRO B 52 -13.44 -2.63 -19.12
C PRO B 52 -11.93 -2.73 -19.09
N MET B 53 -11.44 -3.88 -18.62
CA MET B 53 -10.01 -4.15 -18.56
C MET B 53 -9.80 -5.65 -18.62
N ASP B 54 -8.64 -6.06 -19.14
CA ASP B 54 -8.32 -7.46 -19.39
C ASP B 54 -6.81 -7.59 -19.52
N MET B 55 -6.31 -8.82 -19.36
CA MET B 55 -4.86 -9.00 -19.35
C MET B 55 -4.22 -8.79 -20.72
N GLY B 56 -4.93 -9.08 -21.81
CA GLY B 56 -4.39 -8.78 -23.12
C GLY B 56 -4.11 -7.30 -23.30
N THR B 57 -5.04 -6.46 -22.85
CA THR B 57 -4.82 -5.03 -22.86
C THR B 57 -3.62 -4.65 -22.00
N ILE B 58 -3.55 -5.16 -20.77
CA ILE B 58 -2.45 -4.83 -19.87
C ILE B 58 -1.12 -5.29 -20.46
N LYS B 59 -1.09 -6.52 -20.98
CA LYS B 59 0.11 -7.07 -21.59
C LYS B 59 0.58 -6.17 -22.74
N ARG B 60 -0.34 -5.81 -23.64
CA ARG B 60 0.02 -4.92 -24.74
C ARG B 60 0.54 -3.59 -24.22
N ARG B 61 -0.09 -3.06 -23.17
CA ARG B 61 0.40 -1.79 -22.62
C ARG B 61 1.79 -1.96 -22.03
N LEU B 62 2.05 -3.10 -21.40
CA LEU B 62 3.38 -3.36 -20.85
C LEU B 62 4.43 -3.40 -21.97
N GLU B 63 4.06 -3.92 -23.14
CA GLU B 63 5.03 -4.07 -24.23
C GLU B 63 5.20 -2.79 -25.03
N ASN B 64 4.19 -1.92 -25.08
CA ASN B 64 4.26 -0.67 -25.82
C ASN B 64 4.66 0.51 -24.95
N ASN B 65 5.15 0.27 -23.73
CA ASN B 65 5.62 1.35 -22.85
C ASN B 65 4.50 2.33 -22.49
N TYR B 66 3.29 1.80 -22.29
CA TYR B 66 2.18 2.68 -21.96
C TYR B 66 2.32 3.23 -20.55
N TYR B 67 2.81 2.40 -19.62
CA TYR B 67 2.76 2.72 -18.20
C TYR B 67 3.92 3.59 -17.78
N TRP B 68 3.61 4.60 -16.99
CA TRP B 68 4.62 5.46 -16.40
C TRP B 68 5.13 4.92 -15.07
N ALA B 69 4.32 4.15 -14.35
CA ALA B 69 4.69 3.64 -13.04
C ALA B 69 4.00 2.31 -12.78
N ALA B 70 4.63 1.51 -11.92
CA ALA B 70 4.11 0.19 -11.57
C ALA B 70 2.67 0.25 -11.08
N SER B 71 2.38 1.19 -10.16
CA SER B 71 1.04 1.26 -9.55
C SER B 71 -0.04 1.43 -10.59
N GLU B 72 0.29 2.13 -11.68
CA GLU B 72 -0.65 2.34 -12.77
C GLU B 72 -1.02 1.01 -13.43
N CYS B 73 -0.03 0.14 -13.64
CA CYS B 73 -0.32 -1.19 -14.16
C CYS B 73 -1.09 -2.02 -13.14
N MET B 74 -0.69 -1.95 -11.86
CA MET B 74 -1.42 -2.68 -10.83
C MET B 74 -2.87 -2.25 -10.73
N GLN B 75 -3.14 -0.96 -10.98
CA GLN B 75 -4.52 -0.48 -10.94
C GLN B 75 -5.34 -1.10 -12.06
N ASP B 76 -4.73 -1.28 -13.25
CA ASP B 76 -5.41 -1.98 -14.34
C ASP B 76 -5.75 -3.42 -13.95
N PHE B 77 -4.79 -4.14 -13.36
CA PHE B 77 -5.10 -5.49 -12.85
C PHE B 77 -6.31 -5.43 -11.89
N ASN B 78 -6.30 -4.48 -10.97
CA ASN B 78 -7.37 -4.40 -9.99
C ASN B 78 -8.71 -4.14 -10.65
N THR B 79 -8.74 -3.19 -11.60
CA THR B 79 -9.97 -2.89 -12.32
C THR B 79 -10.56 -4.13 -12.97
N MET B 80 -9.69 -4.95 -13.60
CA MET B 80 -10.15 -6.19 -14.26
C MET B 80 -10.83 -7.12 -13.26
N PHE B 81 -10.18 -7.38 -12.13
CA PHE B 81 -10.78 -8.25 -11.11
C PHE B 81 -12.05 -7.63 -10.55
N THR B 82 -11.99 -6.34 -10.21
CA THR B 82 -13.14 -5.67 -9.60
C THR B 82 -14.35 -5.67 -10.53
N ASN B 83 -14.14 -5.40 -11.83
CA ASN B 83 -15.19 -5.54 -12.83
C ASN B 83 -15.89 -6.88 -12.72
N CYS B 84 -15.09 -7.95 -12.63
CA CYS B 84 -15.66 -9.28 -12.51
C CYS B 84 -16.54 -9.40 -11.27
N TYR B 85 -16.05 -8.96 -10.12
CA TYR B 85 -16.84 -9.10 -8.90
C TYR B 85 -18.12 -8.27 -8.98
N ILE B 86 -18.04 -7.09 -9.60
CA ILE B 86 -19.18 -6.18 -9.60
C ILE B 86 -20.29 -6.71 -10.51
N TYR B 87 -19.91 -7.14 -11.72
CA TYR B 87 -20.92 -7.53 -12.72
C TYR B 87 -21.56 -8.88 -12.42
N ASN B 88 -20.75 -9.90 -12.12
CA ASN B 88 -21.22 -11.28 -12.04
C ASN B 88 -21.96 -11.56 -10.73
N LYS B 89 -22.80 -12.61 -10.75
CA LYS B 89 -23.45 -13.04 -9.52
C LYS B 89 -22.41 -13.70 -8.59
N PRO B 90 -22.60 -13.59 -7.28
CA PRO B 90 -21.63 -14.18 -6.34
C PRO B 90 -21.34 -15.63 -6.60
N THR B 91 -22.31 -16.39 -7.13
CA THR B 91 -22.18 -17.82 -7.30
C THR B 91 -21.55 -18.22 -8.62
N ASP B 92 -21.31 -17.28 -9.52
CA ASP B 92 -20.72 -17.63 -10.81
C ASP B 92 -19.30 -18.14 -10.62
N ASP B 93 -18.95 -19.20 -11.36
CA ASP B 93 -17.60 -19.77 -11.32
C ASP B 93 -16.54 -18.71 -11.64
N ILE B 94 -16.85 -17.77 -12.53
CA ILE B 94 -15.84 -16.79 -12.92
C ILE B 94 -15.38 -15.98 -11.70
N VAL B 95 -16.23 -15.82 -10.68
CA VAL B 95 -15.80 -15.09 -9.49
C VAL B 95 -14.71 -15.87 -8.75
N LEU B 96 -14.89 -17.18 -8.61
CA LEU B 96 -13.86 -18.01 -8.00
C LEU B 96 -12.57 -17.95 -8.80
N MET B 97 -12.68 -17.91 -10.12
CA MET B 97 -11.49 -17.86 -10.98
C MET B 97 -10.75 -16.53 -10.81
N ALA B 98 -11.46 -15.41 -10.81
CA ALA B 98 -10.83 -14.12 -10.53
C ALA B 98 -10.16 -14.12 -9.16
N GLN B 99 -10.86 -14.59 -8.12
CA GLN B 99 -10.25 -14.61 -6.78
C GLN B 99 -8.96 -15.41 -6.75
N THR B 100 -8.96 -16.58 -7.39
CA THR B 100 -7.74 -17.39 -7.43
C THR B 100 -6.62 -16.61 -8.11
N LEU B 101 -6.91 -15.99 -9.25
CA LEU B 101 -5.89 -15.22 -9.96
C LEU B 101 -5.48 -13.99 -9.16
N GLU B 102 -6.45 -13.31 -8.55
CA GLU B 102 -6.12 -12.09 -7.80
C GLU B 102 -5.18 -12.41 -6.64
N LYS B 103 -5.36 -13.57 -5.99
CA LYS B 103 -4.47 -13.92 -4.89
C LYS B 103 -3.03 -14.13 -5.38
N ILE B 104 -2.87 -14.74 -6.55
CA ILE B 104 -1.54 -14.91 -7.13
C ILE B 104 -0.92 -13.55 -7.42
N PHE B 105 -1.72 -12.66 -8.03
CA PHE B 105 -1.29 -11.29 -8.28
C PHE B 105 -0.71 -10.64 -7.02
N LEU B 106 -1.47 -10.67 -5.93
CA LEU B 106 -1.02 -10.05 -4.69
C LEU B 106 0.23 -10.72 -4.14
N GLN B 107 0.28 -12.06 -4.19
CA GLN B 107 1.49 -12.77 -3.77
C GLN B 107 2.71 -12.30 -4.55
N LYS B 108 2.61 -12.27 -5.88
CA LYS B 108 3.75 -11.88 -6.70
C LYS B 108 4.08 -10.40 -6.52
N VAL B 109 3.06 -9.55 -6.34
CA VAL B 109 3.33 -8.12 -6.17
C VAL B 109 4.11 -7.86 -4.89
N ALA B 110 3.90 -8.69 -3.87
CA ALA B 110 4.59 -8.50 -2.60
C ALA B 110 6.10 -8.63 -2.73
N SER B 111 6.57 -9.32 -3.78
CA SER B 111 8.01 -9.51 -4.00
C SER B 111 8.55 -8.62 -5.12
N MET B 112 7.82 -7.60 -5.53
CA MET B 112 8.31 -6.68 -6.54
C MET B 112 9.39 -5.77 -5.95
N PRO B 113 10.40 -5.39 -6.74
CA PRO B 113 11.41 -4.43 -6.25
C PRO B 113 10.78 -3.12 -5.80
N GLN B 114 11.30 -2.58 -4.70
CA GLN B 114 10.59 -1.55 -3.94
C GLN B 114 10.73 -0.13 -4.49
N THR C 8 17.17 31.69 11.07
CA THR C 8 15.73 31.94 11.07
C THR C 8 15.20 31.88 9.64
N ASN C 9 15.86 32.59 8.73
CA ASN C 9 15.69 32.30 7.32
C ASN C 9 16.19 30.89 7.00
N GLN C 10 17.30 30.48 7.62
CA GLN C 10 17.76 29.11 7.47
C GLN C 10 16.76 28.12 8.07
N LEU C 11 16.23 28.42 9.25
CA LEU C 11 15.28 27.51 9.88
C LEU C 11 14.03 27.34 9.01
N GLN C 12 13.61 28.40 8.34
CA GLN C 12 12.45 28.33 7.44
C GLN C 12 12.78 27.45 6.25
N TYR C 13 13.98 27.60 5.70
CA TYR C 13 14.42 26.73 4.59
C TYR C 13 14.40 25.27 5.04
N LEU C 14 14.94 25.00 6.22
CA LEU C 14 14.99 23.61 6.75
C LEU C 14 13.57 23.03 6.92
N HIS C 15 12.61 23.86 7.27
CA HIS C 15 11.21 23.41 7.41
C HIS C 15 10.50 23.35 6.06
N LYS C 16 10.57 24.41 5.27
CA LYS C 16 9.78 24.52 4.02
C LYS C 16 10.40 23.79 2.83
N VAL C 17 11.70 23.56 2.83
CA VAL C 17 12.35 22.81 1.73
C VAL C 17 12.91 21.46 2.18
N VAL C 18 13.75 21.44 3.21
CA VAL C 18 14.39 20.18 3.62
C VAL C 18 13.38 19.22 4.23
N MET C 19 12.67 19.64 5.26
CA MET C 19 11.69 18.74 5.92
C MET C 19 10.57 18.33 4.95
N LYS C 20 10.08 19.28 4.17
CA LYS C 20 9.02 19.01 3.16
C LYS C 20 9.47 17.90 2.20
N ALA C 21 10.69 18.00 1.71
CA ALA C 21 11.12 16.95 0.79
C ALA C 21 11.31 15.63 1.52
N LEU C 22 11.98 15.65 2.68
CA LEU C 22 12.32 14.39 3.33
C LEU C 22 11.09 13.70 3.91
N TRP C 23 10.16 14.47 4.48
CA TRP C 23 8.99 13.89 5.14
C TRP C 23 8.14 13.10 4.18
N LYS C 24 7.90 13.64 2.98
CA LYS C 24 7.06 12.98 2.00
C LYS C 24 7.81 11.92 1.20
N HIS C 25 9.10 11.76 1.42
CA HIS C 25 9.88 10.81 0.63
C HIS C 25 9.45 9.38 0.93
N GLN C 26 9.48 8.53 -0.10
CA GLN C 26 9.00 7.15 0.07
C GLN C 26 9.79 6.41 1.14
N PHE C 27 11.06 6.77 1.34
CA PHE C 27 11.91 6.12 2.32
C PHE C 27 11.78 6.71 3.72
N ALA C 28 10.89 7.68 3.93
CA ALA C 28 10.78 8.37 5.21
C ALA C 28 10.10 7.54 6.28
N TRP C 29 9.29 6.54 5.90
CA TRP C 29 8.38 5.95 6.87
C TRP C 29 9.05 5.36 8.10
N PRO C 30 10.25 4.74 8.05
CA PRO C 30 10.83 4.25 9.31
C PRO C 30 11.23 5.37 10.25
N PHE C 31 11.39 6.59 9.75
CA PHE C 31 11.96 7.69 10.51
C PHE C 31 10.93 8.72 10.95
N ARG C 32 9.65 8.53 10.62
CA ARG C 32 8.64 9.55 10.89
C ARG C 32 8.22 9.59 12.35
N GLN C 33 8.56 8.57 13.13
CA GLN C 33 8.21 8.46 14.53
C GLN C 33 9.39 7.85 15.28
N PRO C 34 9.49 8.08 16.59
CA PRO C 34 10.63 7.53 17.33
C PRO C 34 10.64 6.00 17.28
N VAL C 35 11.84 5.43 17.31
CA VAL C 35 11.98 3.99 17.39
C VAL C 35 11.28 3.52 18.66
N ASP C 36 10.28 2.66 18.50
CA ASP C 36 9.58 2.04 19.63
C ASP C 36 10.22 0.68 19.87
N ALA C 37 11.17 0.63 20.82
CA ALA C 37 11.95 -0.59 21.04
C ALA C 37 11.12 -1.73 21.60
N VAL C 38 10.01 -1.43 22.27
CA VAL C 38 9.12 -2.50 22.72
C VAL C 38 8.34 -3.06 21.54
N LYS C 39 7.66 -2.18 20.79
CA LYS C 39 6.87 -2.60 19.65
C LYS C 39 7.69 -3.38 18.63
N LEU C 40 8.88 -2.89 18.32
CA LEU C 40 9.77 -3.56 17.38
C LEU C 40 10.59 -4.67 18.03
N GLY C 41 10.35 -4.92 19.33
CA GLY C 41 11.14 -5.89 20.08
C GLY C 41 12.64 -5.75 19.91
N LEU C 42 13.19 -4.57 20.23
CA LEU C 42 14.63 -4.30 20.16
C LEU C 42 15.12 -3.94 21.56
N PRO C 43 15.27 -4.94 22.45
CA PRO C 43 15.60 -4.63 23.85
C PRO C 43 16.98 -3.98 24.04
N ASP C 44 17.90 -4.09 23.08
CA ASP C 44 19.20 -3.46 23.24
C ASP C 44 19.26 -2.05 22.66
N TYR C 45 18.17 -1.56 22.03
CA TYR C 45 18.25 -0.34 21.24
C TYR C 45 18.73 0.84 22.10
N HIS C 46 18.09 1.04 23.25
CA HIS C 46 18.47 2.16 24.11
C HIS C 46 19.72 1.90 24.93
N LYS C 47 20.21 0.65 24.95
CA LYS C 47 21.54 0.41 25.47
C LYS C 47 22.61 0.91 24.51
N ILE C 48 22.36 0.84 23.21
CA ILE C 48 23.37 1.18 22.21
C ILE C 48 23.22 2.62 21.74
N ILE C 49 21.99 3.07 21.52
CA ILE C 49 21.70 4.42 21.04
C ILE C 49 21.35 5.28 22.24
N LYS C 50 22.20 6.26 22.53
CA LYS C 50 21.99 7.08 23.71
C LYS C 50 21.16 8.32 23.44
N GLN C 51 21.06 8.79 22.20
CA GLN C 51 20.26 9.97 21.87
C GLN C 51 19.34 9.64 20.70
N PRO C 52 18.17 9.07 20.97
CA PRO C 52 17.20 8.81 19.90
C PRO C 52 16.75 10.09 19.23
N MET C 53 16.51 10.00 17.92
CA MET C 53 16.02 11.14 17.15
C MET C 53 15.20 10.61 15.99
N ASP C 54 14.20 11.39 15.58
CA ASP C 54 13.35 10.99 14.48
C ASP C 54 12.81 12.26 13.82
N MET C 55 12.24 12.09 12.62
CA MET C 55 11.80 13.25 11.87
C MET C 55 10.52 13.85 12.46
N GLY C 56 9.69 13.02 13.10
CA GLY C 56 8.52 13.56 13.77
C GLY C 56 8.90 14.57 14.83
N THR C 57 9.90 14.22 15.66
CA THR C 57 10.42 15.14 16.65
C THR C 57 10.98 16.40 16.00
N ILE C 58 11.78 16.24 14.94
CA ILE C 58 12.38 17.40 14.27
C ILE C 58 11.30 18.29 13.66
N LYS C 59 10.30 17.67 13.03
CA LYS C 59 9.20 18.43 12.41
C LYS C 59 8.44 19.27 13.43
N ARG C 60 8.07 18.66 14.56
CA ARG C 60 7.40 19.42 15.62
C ARG C 60 8.28 20.57 16.12
N ARG C 61 9.60 20.32 16.25
CA ARG C 61 10.50 21.37 16.73
C ARG C 61 10.60 22.51 15.74
N LEU C 62 10.59 22.20 14.44
CA LEU C 62 10.55 23.25 13.42
C LEU C 62 9.25 24.02 13.49
N GLU C 63 8.13 23.32 13.65
CA GLU C 63 6.84 23.99 13.71
C GLU C 63 6.72 24.87 14.94
N ASN C 64 7.38 24.50 16.05
CA ASN C 64 7.21 25.21 17.31
C ASN C 64 8.30 26.23 17.58
N ASN C 65 9.18 26.49 16.61
CA ASN C 65 10.29 27.42 16.76
C ASN C 65 11.22 27.02 17.91
N TYR C 66 11.32 25.72 18.16
CA TYR C 66 12.26 25.21 19.16
C TYR C 66 13.70 25.59 18.85
N TYR C 67 14.14 25.45 17.61
CA TYR C 67 15.57 25.59 17.32
C TYR C 67 15.99 27.05 17.40
N TRP C 68 17.18 27.26 17.96
CA TRP C 68 17.83 28.57 17.98
C TRP C 68 18.69 28.80 16.74
N ALA C 69 19.33 27.75 16.25
CA ALA C 69 20.23 27.84 15.11
C ALA C 69 19.90 26.73 14.13
N ALA C 70 20.14 27.02 12.85
CA ALA C 70 20.00 25.97 11.85
C ALA C 70 20.88 24.78 12.20
N SER C 71 22.07 25.04 12.74
CA SER C 71 23.00 23.96 13.03
C SER C 71 22.40 22.94 13.98
N GLU C 72 21.55 23.39 14.90
CA GLU C 72 20.93 22.49 15.87
C GLU C 72 19.99 21.51 15.19
N CYS C 73 19.20 22.00 14.24
CA CYS C 73 18.30 21.11 13.49
C CYS C 73 19.09 20.13 12.62
N MET C 74 20.14 20.63 11.98
CA MET C 74 21.02 19.78 11.18
C MET C 74 21.66 18.68 12.01
N GLN C 75 22.03 18.98 13.27
CA GLN C 75 22.60 17.93 14.10
C GLN C 75 21.56 16.88 14.44
N ASP C 76 20.30 17.30 14.62
CA ASP C 76 19.24 16.34 14.90
C ASP C 76 19.06 15.39 13.72
N PHE C 77 19.00 15.94 12.50
CA PHE C 77 18.99 15.09 11.32
C PHE C 77 20.18 14.13 11.32
N ASN C 78 21.37 14.65 11.58
CA ASN C 78 22.56 13.80 11.55
C ASN C 78 22.49 12.71 12.60
N THR C 79 22.02 13.07 13.80
CA THR C 79 21.93 12.07 14.87
C THR C 79 20.95 10.96 14.50
N MET C 80 19.82 11.32 13.89
CA MET C 80 18.87 10.34 13.41
C MET C 80 19.53 9.34 12.45
N PHE C 81 20.23 9.84 11.43
CA PHE C 81 20.87 8.95 10.47
C PHE C 81 21.96 8.12 11.11
N THR C 82 22.77 8.74 11.96
CA THR C 82 23.90 8.04 12.58
C THR C 82 23.40 6.90 13.48
N ASN C 83 22.34 7.15 14.25
CA ASN C 83 21.75 6.09 15.08
C ASN C 83 21.42 4.86 14.24
N CYS C 84 20.76 5.09 13.10
CA CYS C 84 20.41 4.00 12.21
C CYS C 84 21.67 3.25 11.74
N TYR C 85 22.71 3.99 11.32
CA TYR C 85 23.93 3.34 10.85
C TYR C 85 24.60 2.55 11.95
N ILE C 86 24.59 3.08 13.17
CA ILE C 86 25.32 2.44 14.24
C ILE C 86 24.61 1.17 14.69
N TYR C 87 23.28 1.21 14.73
CA TYR C 87 22.54 0.11 15.34
C TYR C 87 22.24 -1.02 14.37
N ASN C 88 21.86 -0.69 13.14
CA ASN C 88 21.39 -1.72 12.23
C ASN C 88 22.56 -2.45 11.56
N LYS C 89 22.27 -3.67 11.11
CA LYS C 89 23.23 -4.43 10.32
C LYS C 89 23.51 -3.70 9.01
N PRO C 90 24.75 -3.77 8.51
CA PRO C 90 25.05 -3.08 7.24
C PRO C 90 24.12 -3.47 6.11
N THR C 91 23.63 -4.71 6.12
CA THR C 91 22.78 -5.23 5.05
C THR C 91 21.30 -4.89 5.20
N ASP C 92 20.86 -4.36 6.36
N ASP C 92 20.88 -4.34 6.35
CA ASP C 92 19.45 -4.02 6.52
CA ASP C 92 19.49 -3.96 6.54
C ASP C 92 19.05 -2.95 5.52
C ASP C 92 19.06 -2.93 5.51
N ASP C 93 17.84 -3.11 4.97
CA ASP C 93 17.33 -2.17 3.98
C ASP C 93 17.19 -0.77 4.54
N ILE C 94 16.95 -0.65 5.86
CA ILE C 94 16.82 0.66 6.48
C ILE C 94 18.11 1.46 6.32
N VAL C 95 19.26 0.79 6.27
CA VAL C 95 20.53 1.52 6.13
C VAL C 95 20.59 2.21 4.77
N LEU C 96 20.18 1.51 3.71
CA LEU C 96 20.17 2.14 2.39
C LEU C 96 19.14 3.26 2.34
N MET C 97 18.03 3.12 3.07
CA MET C 97 17.04 4.18 3.08
C MET C 97 17.58 5.42 3.76
N ALA C 98 18.22 5.26 4.91
CA ALA C 98 18.85 6.42 5.56
C ALA C 98 19.89 7.04 4.64
N GLN C 99 20.72 6.24 3.98
CA GLN C 99 21.75 6.78 3.10
C GLN C 99 21.13 7.63 2.01
N THR C 100 20.07 7.10 1.37
CA THR C 100 19.35 7.87 0.36
C THR C 100 18.84 9.18 0.92
N LEU C 101 18.19 9.16 2.08
CA LEU C 101 17.63 10.38 2.63
C LEU C 101 18.72 11.34 3.06
N GLU C 102 19.81 10.80 3.61
CA GLU C 102 20.88 11.68 4.08
C GLU C 102 21.53 12.41 2.92
N LYS C 103 21.65 11.76 1.76
CA LYS C 103 22.24 12.44 0.61
C LYS C 103 21.35 13.60 0.16
N ILE C 104 20.04 13.39 0.14
CA ILE C 104 19.11 14.47 -0.18
C ILE C 104 19.22 15.58 0.86
N PHE C 105 19.21 15.21 2.14
CA PHE C 105 19.44 16.18 3.22
C PHE C 105 20.65 17.04 2.93
N LEU C 106 21.79 16.41 2.65
CA LEU C 106 23.03 17.18 2.44
C LEU C 106 22.96 18.02 1.18
N GLN C 107 22.39 17.50 0.11
CA GLN C 107 22.22 18.28 -1.11
C GLN C 107 21.45 19.57 -0.81
N LYS C 108 20.35 19.44 -0.09
CA LYS C 108 19.51 20.60 0.19
C LYS C 108 20.18 21.57 1.14
N VAL C 109 20.92 21.06 2.13
CA VAL C 109 21.65 21.92 3.04
C VAL C 109 22.68 22.76 2.27
N ALA C 110 23.28 22.18 1.23
CA ALA C 110 24.30 22.91 0.48
C ALA C 110 23.74 24.20 -0.14
N SER C 111 22.45 24.23 -0.46
CA SER C 111 21.83 25.41 -1.05
C SER C 111 21.11 26.27 -0.02
N MET C 112 21.27 25.97 1.27
CA MET C 112 20.67 26.77 2.31
C MET C 112 21.17 28.22 2.23
N PRO C 113 20.33 29.20 2.54
CA PRO C 113 20.78 30.59 2.54
C PRO C 113 21.64 30.92 3.77
N GLN C 114 22.32 32.07 3.68
CA GLN C 114 23.14 32.60 4.78
C GLN C 114 24.32 31.70 5.13
C1 7UH D . -19.86 9.32 9.00
C2 7UH D . -19.15 8.78 10.04
O1 7UH D . -22.81 7.42 9.13
C3 7UH D . -19.66 7.72 10.85
C4 7UH D . -21.70 7.84 9.40
O2 7UH D . -14.66 8.70 11.57
N 7UH D . -21.12 8.88 8.67
C 7UH D . -21.89 9.47 7.58
O 7UH D . -19.08 7.16 11.79
C10 7UH D . -13.83 10.36 10.26
C5 7UH D . -21.57 6.23 11.23
C6 7UH D . -18.04 10.40 9.07
C7 7UH D . -16.88 9.40 11.06
C8 7UH D . -15.58 8.86 10.50
C9 7UH D . -13.95 9.93 11.66
N1 7UH D . -20.95 7.30 10.46
N2 7UH D . -17.98 9.50 10.10
N3 7UH D . -19.16 10.33 8.38
O3 7UH D . -14.98 9.80 9.61
C1 7UH E . -23.25 -2.04 3.74
C2 7UH E . -22.49 -1.36 4.64
O1 7UH E . -20.99 -4.51 2.69
C3 7UH E . -21.20 -1.81 5.06
C4 7UH E . -21.50 -3.62 3.36
O2 7UH E . -24.07 2.67 4.59
N 7UH E . -22.80 -3.18 3.14
C 7UH E . -23.70 -4.03 2.36
O 7UH E . -20.56 -1.41 6.03
C10 7UH E . -22.47 3.22 2.97
C5 7UH E . -19.35 -3.32 4.47
C6 7UH E . -24.34 -0.28 4.17
C7 7UH E . -22.80 0.93 5.74
C8 7UH E . -22.78 2.25 4.98
C9 7UH E . -23.86 3.53 3.46
N1 7UH E . -20.76 -2.92 4.31
N2 7UH E . -23.19 -0.21 4.91
N3 7UH E . -24.41 -1.37 3.46
O3 7UH E . -22.03 2.13 3.79
S SO4 F . -8.15 -12.29 15.74
O1 SO4 F . -8.56 -13.54 16.37
O2 SO4 F . -9.33 -11.44 15.53
O3 SO4 F . -7.21 -11.57 16.62
O4 SO4 F . -7.52 -12.56 14.44
S SO4 G . -23.64 14.83 7.44
O1 SO4 G . -23.87 13.87 8.53
O2 SO4 G . -24.33 16.10 7.72
O3 SO4 G . -24.17 14.26 6.19
O4 SO4 G . -22.20 15.11 7.31
C1 7UH H . -18.21 -13.23 -18.81
C2 7UH H . -17.00 -13.67 -19.26
O1 7UH H . -17.21 -10.73 -16.57
C3 7UH H . -15.76 -13.05 -18.91
C4 7UH H . -17.17 -11.57 -17.46
O2 7UH H . -17.65 -17.74 -20.17
N 7UH H . -18.30 -12.19 -17.92
C 7UH H . -19.61 -11.69 -17.47
O 7UH H . -14.65 -13.30 -19.37
C10 7UH H . -17.25 -17.87 -17.90
C5 7UH H . -14.73 -11.36 -17.46
C6 7UH H . -18.63 -14.91 -20.02
C7 7UH H . -16.34 -15.76 -20.62
C8 7UH H . -16.41 -17.11 -19.93
C9 7UH H . -17.90 -18.57 -19.04
N1 7UH H . -15.94 -12.01 -17.98
N2 7UH H . -17.28 -14.79 -20.03
N3 7UH H . -19.23 -13.99 -19.29
O3 7UH H . -16.32 -16.96 -18.52
C1 7UH I . 14.21 -0.36 13.38
C2 7UH I . 13.28 0.50 12.89
O1 7UH I . 16.96 1.76 13.73
C3 7UH I . 13.52 1.90 12.72
C4 7UH I . 15.82 1.40 13.56
O2 7UH I . 11.99 -0.42 9.85
N 7UH I . 15.46 0.06 13.75
C 7UH I . 16.40 -0.85 14.38
O 7UH I . 12.71 2.76 12.38
C10 7UH I . 11.38 -2.64 9.85
C5 7UH I . 15.25 3.64 12.80
C6 7UH I . 12.56 -1.56 12.86
C7 7UH I . 10.93 0.11 11.91
C8 7UH I . 10.76 -0.53 10.55
C9 7UH I . 12.07 -1.59 9.03
N1 7UH I . 14.84 2.26 13.06
N2 7UH I . 12.20 -0.29 12.53
N3 7UH I . 13.76 -1.64 13.37
O3 7UH I . 10.53 -1.91 10.76
#